data_2CDZ
#
_entry.id   2CDZ
#
_cell.length_a   145.817
_cell.length_b   145.817
_cell.length_c   42.382
_cell.angle_alpha   90.00
_cell.angle_beta   90.00
_cell.angle_gamma   90.00
#
_symmetry.space_group_name_H-M   'P 43 21 2'
#
loop_
_entity.id
_entity.type
_entity.pdbx_description
1 polymer 'SERINE/THREONINE-PROTEIN KINASE PAK 4'
2 non-polymer N2-[(1R,2S)-2-AMINOCYCLOHEXYL]-N6-(3-CHLOROPHENYL)-9-ETHYL-9H-PURINE-2,6-DIAMINE
3 non-polymer 'SULFATE ION'
4 non-polymer 'CHLORIDE ION'
5 water water
#
_entity_poly.entity_id   1
_entity_poly.type   'polypeptide(L)'
_entity_poly.pdbx_seq_one_letter_code
;GSSPQREPQRVSHEQFRAALQLVVDPGDPRSYLDNFIKIGEGSTGIVCIATVRSSGKLVAVKKMDLRKQQRRELLFNEVV
IMRDYQHENVVEMYNSYLVGDELWVVMEFLEGGALTDIVTHTRMNEEQIAAVCLAVLQALSVLHAQGVIHRDIKSDSILL
THDGRVKLSDFGFCAQVSKEVPRRK(SEP)LVGTPYWMAPELISRLPYGPEVDIWSLGIMVIEMVDGEPPYFNEPPLKAM
KMIRDNLPPRLKNLHKVSPSLKGFLDRLLVRDPAQRATAAELLKHPFLAKAGPPASIVPLMRQNRTR
;
_entity_poly.pdbx_strand_id   A
#
loop_
_chem_comp.id
_chem_comp.type
_chem_comp.name
_chem_comp.formula
23D non-polymer N2-[(1R,2S)-2-AMINOCYCLOHEXYL]-N6-(3-CHLOROPHENYL)-9-ETHYL-9H-PURINE-2,6-DIAMINE 'C19 H24 Cl N7'
CL non-polymer 'CHLORIDE ION' 'Cl -1'
SO4 non-polymer 'SULFATE ION' 'O4 S -2'
#
# COMPACT_ATOMS: atom_id res chain seq x y z
N VAL A 11 5.24 -15.94 -22.90
CA VAL A 11 5.82 -16.90 -21.90
C VAL A 11 4.74 -17.85 -21.40
N SER A 12 5.01 -19.14 -21.41
CA SER A 12 4.04 -20.17 -21.03
C SER A 12 3.70 -20.12 -19.54
N HIS A 13 2.51 -20.62 -19.19
CA HIS A 13 2.11 -20.78 -17.79
C HIS A 13 3.03 -21.79 -17.07
N GLU A 14 3.32 -22.89 -17.74
CA GLU A 14 4.19 -23.92 -17.19
C GLU A 14 5.62 -23.36 -16.93
N GLN A 15 6.10 -22.53 -17.86
CA GLN A 15 7.38 -21.82 -17.71
C GLN A 15 7.36 -20.71 -16.65
N PHE A 16 6.26 -19.97 -16.56
CA PHE A 16 6.13 -18.92 -15.54
C PHE A 16 6.08 -19.56 -14.13
N ARG A 17 5.27 -20.60 -13.99
CA ARG A 17 5.17 -21.33 -12.73
C ARG A 17 6.53 -21.93 -12.35
N ALA A 18 7.27 -22.38 -13.37
CA ALA A 18 8.62 -22.90 -13.22
C ALA A 18 9.59 -21.89 -12.64
N ALA A 19 9.58 -20.67 -13.18
CA ALA A 19 10.42 -19.58 -12.63
C ALA A 19 10.07 -19.26 -11.19
N LEU A 20 8.79 -19.19 -10.90
CA LEU A 20 8.32 -18.92 -9.53
C LEU A 20 8.69 -20.04 -8.56
N GLN A 21 8.69 -21.28 -9.04
CA GLN A 21 9.06 -22.43 -8.22
C GLN A 21 10.51 -22.39 -7.74
N LEU A 22 11.39 -21.75 -8.50
CA LEU A 22 12.78 -21.57 -8.09
C LEU A 22 12.91 -20.65 -6.89
N VAL A 23 11.96 -19.73 -6.77
CA VAL A 23 11.97 -18.64 -5.79
C VAL A 23 11.26 -19.01 -4.47
N VAL A 24 10.13 -19.69 -4.56
CA VAL A 24 9.32 -19.99 -3.38
C VAL A 24 9.92 -21.19 -2.63
N ASP A 25 9.48 -21.34 -1.38
CA ASP A 25 9.84 -22.48 -0.56
C ASP A 25 9.20 -23.70 -1.13
N PRO A 26 9.97 -24.80 -1.23
CA PRO A 26 9.34 -26.04 -1.68
C PRO A 26 8.34 -26.63 -0.68
N GLY A 27 7.46 -27.49 -1.16
CA GLY A 27 6.56 -28.21 -0.28
C GLY A 27 5.14 -27.69 -0.26
N ASP A 28 4.32 -28.39 0.50
CA ASP A 28 2.89 -28.14 0.62
C ASP A 28 2.66 -27.63 2.04
N PRO A 29 2.29 -26.36 2.18
CA PRO A 29 2.13 -25.77 3.50
C PRO A 29 0.82 -26.15 4.19
N ARG A 30 0.01 -26.97 3.55
CA ARG A 30 -1.22 -27.49 4.16
C ARG A 30 -0.85 -28.58 5.17
N SER A 31 0.39 -29.07 5.07
CA SER A 31 1.07 -29.80 6.14
C SER A 31 1.19 -28.93 7.41
N TYR A 32 1.86 -27.78 7.27
CA TYR A 32 2.18 -26.90 8.42
C TYR A 32 1.03 -26.06 8.99
N LEU A 33 -0.08 -25.94 8.24
CA LEU A 33 -1.15 -24.98 8.52
C LEU A 33 -2.55 -25.59 8.56
N ASP A 34 -3.41 -24.98 9.37
CA ASP A 34 -4.80 -25.43 9.47
C ASP A 34 -5.67 -24.29 10.00
N ASN A 35 -6.99 -24.49 10.04
CA ASN A 35 -7.95 -23.49 10.53
C ASN A 35 -7.96 -22.21 9.68
N PHE A 36 -8.02 -22.38 8.36
CA PHE A 36 -8.06 -21.26 7.41
C PHE A 36 -9.39 -20.54 7.50
N ILE A 37 -9.34 -19.24 7.80
CA ILE A 37 -10.53 -18.37 7.79
C ILE A 37 -10.30 -17.16 6.87
N LYS A 38 -11.15 -17.06 5.84
CA LYS A 38 -11.07 -15.98 4.89
C LYS A 38 -11.34 -14.66 5.58
N ILE A 39 -10.44 -13.70 5.44
CA ILE A 39 -10.63 -12.37 6.04
C ILE A 39 -10.83 -11.24 5.01
N GLY A 40 -10.65 -11.54 3.74
CA GLY A 40 -10.91 -10.57 2.69
C GLY A 40 -10.36 -10.94 1.34
N GLU A 41 -10.54 -10.01 0.40
CA GLU A 41 -10.17 -10.16 -1.00
C GLU A 41 -9.47 -8.91 -1.49
N GLY A 42 -8.45 -9.12 -2.30
CA GLY A 42 -7.74 -8.01 -2.93
C GLY A 42 -7.91 -8.08 -4.43
N SER A 43 -7.04 -7.35 -5.11
CA SER A 43 -6.95 -7.36 -6.57
C SER A 43 -6.40 -8.68 -7.10
N THR A 44 -5.34 -9.18 -6.48
CA THR A 44 -4.61 -10.35 -6.97
C THR A 44 -5.10 -11.71 -6.42
N GLY A 45 -5.79 -11.72 -5.29
CA GLY A 45 -6.38 -12.95 -4.75
C GLY A 45 -7.08 -12.75 -3.41
N ILE A 46 -7.12 -13.80 -2.57
CA ILE A 46 -7.81 -13.75 -1.28
C ILE A 46 -6.81 -13.83 -0.12
N VAL A 47 -7.21 -13.35 1.05
CA VAL A 47 -6.36 -13.44 2.22
C VAL A 47 -7.10 -14.19 3.33
N CYS A 48 -6.42 -15.15 3.93
CA CYS A 48 -6.92 -15.93 5.04
C CYS A 48 -6.04 -15.78 6.26
N ILE A 49 -6.59 -16.12 7.41
CA ILE A 49 -5.77 -16.37 8.58
C ILE A 49 -5.68 -17.88 8.77
N ALA A 50 -4.56 -18.35 9.28
CA ALA A 50 -4.37 -19.78 9.55
C ALA A 50 -3.52 -19.87 10.79
N THR A 51 -3.47 -21.06 11.37
CA THR A 51 -2.66 -21.34 12.54
C THR A 51 -1.51 -22.24 12.12
N VAL A 52 -0.32 -21.94 12.61
CA VAL A 52 0.87 -22.80 12.44
C VAL A 52 0.83 -23.94 13.47
N ARG A 53 1.36 -25.12 13.11
CA ARG A 53 1.42 -26.28 14.02
C ARG A 53 2.78 -26.35 14.74
N GLY A 56 1.88 -22.96 17.44
CA GLY A 56 0.55 -22.37 17.58
C GLY A 56 0.38 -20.94 17.07
N LYS A 57 1.46 -20.35 16.54
CA LYS A 57 1.40 -18.96 16.01
C LYS A 57 0.32 -18.85 14.91
N LEU A 58 -0.45 -17.76 14.89
CA LEU A 58 -1.37 -17.50 13.78
C LEU A 58 -0.75 -16.57 12.72
N VAL A 59 -1.05 -16.85 11.45
CA VAL A 59 -0.43 -16.16 10.33
C VAL A 59 -1.51 -15.70 9.35
N ALA A 60 -1.14 -14.86 8.40
CA ALA A 60 -2.00 -14.45 7.28
C ALA A 60 -1.46 -15.08 5.99
N VAL A 61 -2.34 -15.72 5.22
CA VAL A 61 -1.99 -16.34 3.94
C VAL A 61 -2.72 -15.66 2.78
N LYS A 62 -1.94 -15.05 1.89
CA LYS A 62 -2.44 -14.50 0.63
C LYS A 62 -2.32 -15.56 -0.46
N LYS A 63 -3.41 -15.80 -1.18
CA LYS A 63 -3.50 -16.90 -2.15
C LYS A 63 -3.90 -16.34 -3.51
N MET A 64 -3.05 -16.54 -4.51
CA MET A 64 -3.20 -15.92 -5.81
C MET A 64 -3.14 -16.94 -6.93
N ASP A 65 -4.16 -16.96 -7.76
CA ASP A 65 -4.21 -17.91 -8.89
C ASP A 65 -3.33 -17.44 -10.04
N LEU A 66 -2.33 -18.24 -10.36
CA LEU A 66 -1.39 -17.93 -11.43
C LEU A 66 -2.08 -17.69 -12.79
N ARG A 67 -3.23 -18.32 -13.02
CA ARG A 67 -3.93 -18.23 -14.31
C ARG A 67 -4.94 -17.07 -14.39
N LYS A 68 -5.28 -16.46 -13.26
CA LYS A 68 -6.32 -15.45 -13.22
C LYS A 68 -5.80 -14.03 -12.90
N GLN A 69 -4.63 -13.68 -13.42
CA GLN A 69 -4.06 -12.35 -13.20
C GLN A 69 -4.13 -11.54 -14.48
N GLN A 70 -4.42 -10.25 -14.36
CA GLN A 70 -4.33 -9.37 -15.51
C GLN A 70 -2.84 -9.18 -15.90
N ARG A 71 -1.96 -9.09 -14.89
CA ARG A 71 -0.51 -9.02 -15.09
C ARG A 71 0.19 -10.02 -14.20
N ARG A 72 0.33 -11.22 -14.72
CA ARG A 72 0.91 -12.34 -14.00
C ARG A 72 2.34 -12.05 -13.45
N GLU A 73 3.16 -11.28 -14.18
CA GLU A 73 4.54 -11.03 -13.72
C GLU A 73 4.64 -10.34 -12.35
N LEU A 74 3.62 -9.59 -11.99
CA LEU A 74 3.57 -8.90 -10.70
C LEU A 74 3.62 -9.84 -9.49
N LEU A 75 3.14 -11.08 -9.64
CA LEU A 75 3.21 -12.12 -8.60
C LEU A 75 4.64 -12.40 -8.21
N PHE A 76 5.50 -12.43 -9.21
CA PHE A 76 6.93 -12.60 -9.05
C PHE A 76 7.48 -11.45 -8.22
N ASN A 77 7.15 -10.23 -8.64
CA ASN A 77 7.70 -9.00 -8.04
C ASN A 77 7.34 -8.96 -6.59
N GLU A 78 6.11 -9.37 -6.28
CA GLU A 78 5.60 -9.40 -4.91
C GLU A 78 6.49 -10.19 -3.98
N VAL A 79 6.68 -11.48 -4.28
CA VAL A 79 7.48 -12.40 -3.41
C VAL A 79 8.90 -11.90 -3.23
N VAL A 80 9.57 -11.56 -4.33
CA VAL A 80 10.96 -11.09 -4.30
C VAL A 80 11.20 -9.83 -3.42
N ILE A 81 10.21 -8.91 -3.37
CA ILE A 81 10.36 -7.66 -2.63
C ILE A 81 10.27 -7.88 -1.13
N MET A 82 9.22 -8.53 -0.67
CA MET A 82 9.10 -8.79 0.77
C MET A 82 10.18 -9.74 1.30
N ARG A 83 10.68 -10.63 0.43
CA ARG A 83 11.85 -11.45 0.79
C ARG A 83 13.09 -10.56 1.01
N ASP A 84 13.30 -9.59 0.11
CA ASP A 84 14.49 -8.74 0.11
C ASP A 84 14.46 -7.46 0.95
N TYR A 85 13.27 -7.04 1.43
CA TYR A 85 13.12 -5.76 2.15
C TYR A 85 12.35 -5.92 3.46
N GLN A 86 13.07 -6.05 4.57
CA GLN A 86 12.47 -6.07 5.90
C GLN A 86 12.65 -4.70 6.61
N HIS A 87 11.54 -4.07 7.01
CA HIS A 87 11.57 -2.74 7.62
C HIS A 87 10.50 -2.72 8.71
N GLU A 88 10.72 -1.97 9.79
CA GLU A 88 9.76 -1.93 10.89
C GLU A 88 8.32 -1.62 10.42
N ASN A 89 8.21 -0.85 9.32
CA ASN A 89 6.95 -0.39 8.78
C ASN A 89 6.52 -1.15 7.52
N VAL A 90 7.03 -2.36 7.34
CA VAL A 90 6.65 -3.18 6.21
C VAL A 90 6.25 -4.55 6.75
N VAL A 91 5.12 -5.03 6.27
CA VAL A 91 4.61 -6.34 6.65
CA VAL A 91 4.61 -6.34 6.65
C VAL A 91 5.67 -7.40 6.36
N GLU A 92 5.92 -8.25 7.34
CA GLU A 92 6.89 -9.32 7.23
C GLU A 92 6.29 -10.56 6.58
N MET A 93 7.01 -11.12 5.60
CA MET A 93 6.70 -12.41 4.97
C MET A 93 7.55 -13.50 5.61
N TYR A 94 6.95 -14.62 5.95
CA TYR A 94 7.65 -15.73 6.55
C TYR A 94 8.06 -16.78 5.51
N ASN A 95 7.16 -17.10 4.58
CA ASN A 95 7.39 -18.16 3.59
C ASN A 95 6.49 -17.96 2.38
N SER A 96 6.76 -18.72 1.31
CA SER A 96 5.94 -18.70 0.12
C SER A 96 5.97 -20.08 -0.53
N TYR A 97 4.87 -20.43 -1.18
CA TYR A 97 4.67 -21.75 -1.71
C TYR A 97 3.84 -21.71 -2.97
N LEU A 98 3.92 -22.80 -3.71
CA LEU A 98 3.06 -23.06 -4.82
C LEU A 98 2.18 -24.23 -4.39
N VAL A 99 0.87 -24.07 -4.57
CA VAL A 99 -0.08 -25.10 -4.21
C VAL A 99 -1.04 -25.20 -5.39
N GLY A 100 -0.84 -26.21 -6.22
CA GLY A 100 -1.54 -26.32 -7.48
C GLY A 100 -1.23 -25.12 -8.35
N ASP A 101 -2.27 -24.41 -8.76
CA ASP A 101 -2.15 -23.21 -9.59
C ASP A 101 -2.05 -21.93 -8.78
N GLU A 102 -1.82 -22.04 -7.48
CA GLU A 102 -1.85 -20.87 -6.62
C GLU A 102 -0.50 -20.59 -6.02
N LEU A 103 -0.15 -19.30 -5.98
CA LEU A 103 0.93 -18.81 -5.18
C LEU A 103 0.35 -18.48 -3.81
N TRP A 104 0.90 -19.10 -2.75
CA TRP A 104 0.59 -18.72 -1.38
C TRP A 104 1.76 -17.99 -0.76
N VAL A 105 1.50 -16.83 -0.17
CA VAL A 105 2.51 -16.11 0.63
C VAL A 105 2.04 -16.07 2.09
N VAL A 106 2.90 -16.52 2.98
CA VAL A 106 2.60 -16.61 4.40
C VAL A 106 3.28 -15.45 5.12
N MET A 107 2.47 -14.62 5.77
CA MET A 107 2.94 -13.39 6.37
C MET A 107 2.44 -13.26 7.79
N GLU A 108 3.02 -12.31 8.50
CA GLU A 108 2.54 -11.98 9.82
C GLU A 108 1.09 -11.50 9.77
N PHE A 109 0.33 -11.86 10.81
CA PHE A 109 -1.03 -11.39 11.02
C PHE A 109 -0.98 -10.11 11.85
N LEU A 110 -1.65 -9.07 11.35
CA LEU A 110 -1.74 -7.80 12.05
C LEU A 110 -3.17 -7.64 12.56
N GLU A 111 -3.32 -7.58 13.88
CA GLU A 111 -4.62 -7.67 14.53
C GLU A 111 -5.49 -6.42 14.37
N GLY A 112 -4.86 -5.28 14.09
CA GLY A 112 -5.55 -4.01 14.00
C GLY A 112 -6.25 -3.75 12.69
N GLY A 113 -6.08 -4.64 11.73
CA GLY A 113 -6.71 -4.51 10.43
C GLY A 113 -6.17 -3.36 9.61
N ALA A 114 -6.99 -2.91 8.65
CA ALA A 114 -6.61 -1.89 7.68
C ALA A 114 -7.05 -0.49 8.10
N LEU A 115 -6.35 0.52 7.59
CA LEU A 115 -6.69 1.90 7.84
C LEU A 115 -8.04 2.27 7.25
N THR A 116 -8.48 1.60 6.17
CA THR A 116 -9.77 1.90 5.53
C THR A 116 -10.90 1.94 6.53
N ASP A 117 -10.89 0.99 7.44
CA ASP A 117 -11.94 0.86 8.43
C ASP A 117 -11.89 2.02 9.43
N ILE A 118 -10.69 2.49 9.76
CA ILE A 118 -10.58 3.69 10.59
C ILE A 118 -11.18 4.92 9.84
N VAL A 119 -10.73 5.16 8.61
CA VAL A 119 -11.09 6.42 7.92
C VAL A 119 -12.59 6.53 7.55
N THR A 120 -13.26 5.41 7.35
CA THR A 120 -14.67 5.38 6.99
C THR A 120 -15.58 5.42 8.22
N HIS A 121 -15.05 5.17 9.41
CA HIS A 121 -15.87 5.08 10.62
C HIS A 121 -15.55 6.09 11.72
N THR A 122 -14.43 6.77 11.63
CA THR A 122 -14.00 7.68 12.67
C THR A 122 -13.39 8.88 12.00
N ARG A 123 -13.18 9.94 12.76
CA ARG A 123 -12.39 11.11 12.33
C ARG A 123 -11.05 11.10 13.05
N MET A 124 -9.97 10.88 12.31
CA MET A 124 -8.60 10.94 12.84
C MET A 124 -8.19 12.39 13.17
N ASN A 125 -7.49 12.60 14.28
CA ASN A 125 -6.92 13.91 14.53
C ASN A 125 -5.56 13.99 13.82
N GLU A 126 -4.91 15.14 13.89
CA GLU A 126 -3.68 15.38 13.13
C GLU A 126 -2.46 14.66 13.68
N GLU A 127 -2.46 14.46 14.98
CA GLU A 127 -1.47 13.61 15.65
C GLU A 127 -1.51 12.19 15.08
N GLN A 128 -2.71 11.64 14.96
CA GLN A 128 -2.90 10.31 14.37
C GLN A 128 -2.57 10.30 12.87
N ILE A 129 -3.04 11.30 12.13
CA ILE A 129 -2.70 11.44 10.71
C ILE A 129 -1.18 11.54 10.49
N ALA A 130 -0.51 12.40 11.27
CA ALA A 130 0.97 12.55 11.21
C ALA A 130 1.74 11.25 11.49
N ALA A 131 1.27 10.47 12.47
CA ALA A 131 1.89 9.19 12.81
C ALA A 131 1.80 8.19 11.65
N VAL A 132 0.64 8.15 11.00
CA VAL A 132 0.45 7.29 9.83
C VAL A 132 1.33 7.75 8.66
N CYS A 133 1.35 9.05 8.35
CA CYS A 133 2.22 9.54 7.28
C CYS A 133 3.71 9.32 7.57
N LEU A 134 4.14 9.54 8.81
CA LEU A 134 5.54 9.33 9.21
C LEU A 134 5.98 7.90 8.95
N ALA A 135 5.21 6.95 9.47
CA ALA A 135 5.41 5.53 9.24
C ALA A 135 5.52 5.14 7.76
N VAL A 136 4.60 5.64 6.95
CA VAL A 136 4.56 5.29 5.52
C VAL A 136 5.73 5.94 4.77
N LEU A 137 6.03 7.17 5.13
CA LEU A 137 7.16 7.86 4.49
C LEU A 137 8.48 7.21 4.84
N GLN A 138 8.59 6.71 6.06
CA GLN A 138 9.79 5.94 6.46
C GLN A 138 9.95 4.68 5.59
N ALA A 139 8.87 3.91 5.43
CA ALA A 139 8.91 2.72 4.57
C ALA A 139 9.29 3.12 3.15
N LEU A 140 8.60 4.12 2.60
CA LEU A 140 8.81 4.51 1.20
C LEU A 140 10.18 5.08 0.92
N SER A 141 10.77 5.82 1.84
CA SER A 141 12.14 6.33 1.64
C SER A 141 13.14 5.20 1.45
N VAL A 142 12.97 4.11 2.21
CA VAL A 142 13.86 2.96 2.11
C VAL A 142 13.58 2.18 0.82
N LEU A 143 12.32 1.94 0.51
CA LEU A 143 11.96 1.27 -0.75
C LEU A 143 12.38 2.08 -1.99
N HIS A 144 12.13 3.38 -1.96
CA HIS A 144 12.38 4.26 -3.11
C HIS A 144 13.86 4.38 -3.44
N ALA A 145 14.69 4.34 -2.39
CA ALA A 145 16.14 4.44 -2.52
C ALA A 145 16.71 3.22 -3.24
N GLN A 146 16.04 2.08 -3.08
CA GLN A 146 16.43 0.86 -3.79
C GLN A 146 15.66 0.67 -5.08
N GLY A 147 14.97 1.72 -5.52
CA GLY A 147 14.20 1.70 -6.76
C GLY A 147 12.87 0.98 -6.75
N VAL A 148 12.35 0.63 -5.57
CA VAL A 148 11.08 -0.08 -5.47
C VAL A 148 9.94 0.93 -5.41
N ILE A 149 8.98 0.76 -6.30
CA ILE A 149 7.75 1.55 -6.30
C ILE A 149 6.60 0.65 -5.88
N HIS A 150 5.86 1.07 -4.85
CA HIS A 150 4.73 0.30 -4.33
C HIS A 150 3.59 0.23 -5.32
N ARG A 151 3.17 1.40 -5.82
CA ARG A 151 2.09 1.58 -6.83
C ARG A 151 0.65 1.27 -6.40
N ASP A 152 0.42 0.91 -5.14
CA ASP A 152 -0.96 0.83 -4.63
C ASP A 152 -1.09 1.38 -3.22
N ILE A 153 -0.51 2.55 -3.00
CA ILE A 153 -0.69 3.25 -1.73
C ILE A 153 -2.14 3.80 -1.62
N LYS A 154 -2.82 3.38 -0.56
CA LYS A 154 -4.17 3.76 -0.21
C LYS A 154 -4.42 3.18 1.18
N SER A 155 -5.48 3.60 1.84
CA SER A 155 -5.76 3.14 3.20
C SER A 155 -5.88 1.62 3.32
N ASP A 156 -6.39 0.95 2.27
CA ASP A 156 -6.57 -0.50 2.28
C ASP A 156 -5.24 -1.22 2.40
N SER A 157 -4.16 -0.57 1.98
CA SER A 157 -2.83 -1.16 1.95
C SER A 157 -2.07 -0.93 3.26
N ILE A 158 -2.66 -0.22 4.19
CA ILE A 158 -1.98 0.16 5.43
C ILE A 158 -2.61 -0.66 6.54
N LEU A 159 -1.83 -1.52 7.18
CA LEU A 159 -2.30 -2.37 8.25
C LEU A 159 -1.77 -1.88 9.58
N LEU A 160 -2.45 -2.26 10.66
CA LEU A 160 -2.08 -1.85 12.02
C LEU A 160 -1.92 -3.02 12.97
N THR A 161 -0.96 -2.92 13.88
CA THR A 161 -0.76 -3.92 14.92
C THR A 161 -1.78 -3.69 16.04
N HIS A 162 -1.88 -4.64 16.97
CA HIS A 162 -2.73 -4.49 18.16
C HIS A 162 -2.41 -3.20 18.95
N ASP A 163 -1.14 -2.83 19.00
CA ASP A 163 -0.71 -1.68 19.78
C ASP A 163 -0.53 -0.42 18.95
N GLY A 164 -0.99 -0.46 17.70
CA GLY A 164 -1.14 0.74 16.88
C GLY A 164 0.02 1.12 16.00
N ARG A 165 0.90 0.18 15.70
CA ARG A 165 1.98 0.46 14.77
C ARG A 165 1.55 0.23 13.33
N VAL A 166 2.10 1.03 12.43
CA VAL A 166 1.67 1.07 11.03
C VAL A 166 2.61 0.23 10.16
N LYS A 167 2.01 -0.61 9.32
CA LYS A 167 2.76 -1.43 8.38
C LYS A 167 2.16 -1.33 6.99
N LEU A 168 3.04 -1.08 6.03
CA LEU A 168 2.70 -1.07 4.62
C LEU A 168 2.57 -2.51 4.16
N SER A 169 1.50 -2.80 3.44
CA SER A 169 1.22 -4.14 2.92
C SER A 169 0.86 -4.07 1.44
N ASP A 170 0.43 -5.19 0.87
CA ASP A 170 -0.12 -5.23 -0.49
C ASP A 170 0.87 -4.76 -1.57
N PHE A 171 1.98 -5.51 -1.66
CA PHE A 171 3.05 -5.25 -2.62
C PHE A 171 2.83 -6.00 -3.94
N GLY A 172 1.60 -6.46 -4.18
CA GLY A 172 1.26 -7.19 -5.38
C GLY A 172 1.32 -6.40 -6.68
N PHE A 173 1.38 -5.06 -6.60
CA PHE A 173 1.54 -4.21 -7.78
C PHE A 173 2.92 -3.57 -7.86
N CYS A 174 3.88 -3.96 -7.03
CA CYS A 174 5.15 -3.24 -7.03
CA CYS A 174 5.22 -3.35 -7.00
C CYS A 174 5.96 -3.47 -8.30
N ALA A 175 6.92 -2.58 -8.50
CA ALA A 175 7.85 -2.64 -9.62
C ALA A 175 9.19 -2.17 -9.09
N GLN A 176 10.24 -2.48 -9.83
CA GLN A 176 11.56 -2.01 -9.48
C GLN A 176 12.15 -1.34 -10.71
N VAL A 177 12.65 -0.13 -10.51
CA VAL A 177 13.38 0.58 -11.53
C VAL A 177 14.87 0.48 -11.18
N SER A 178 15.70 0.77 -12.17
CA SER A 178 17.15 0.61 -12.08
C SER A 178 17.79 1.64 -13.01
N LYS A 179 19.12 1.67 -13.03
CA LYS A 179 19.87 2.55 -13.94
C LYS A 179 19.54 2.21 -15.40
N GLU A 180 19.47 0.92 -15.71
CA GLU A 180 19.18 0.41 -17.05
C GLU A 180 17.74 0.65 -17.51
N VAL A 181 16.78 0.49 -16.60
CA VAL A 181 15.34 0.73 -16.88
C VAL A 181 14.73 1.58 -15.74
N PRO A 182 14.96 2.91 -15.77
CA PRO A 182 14.70 3.79 -14.61
C PRO A 182 13.25 4.29 -14.45
N ARG A 183 12.40 4.00 -15.43
CA ARG A 183 11.01 4.42 -15.43
C ARG A 183 10.12 3.25 -15.83
N ARG A 184 8.92 3.20 -15.29
CA ARG A 184 7.89 2.27 -15.74
C ARG A 184 6.88 3.06 -16.56
N LYS A 185 6.04 2.35 -17.30
CA LYS A 185 4.98 2.98 -18.12
C LYS A 185 3.60 2.34 -17.94
N SEP A 186 3.57 1.17 -17.28
CA SEP A 186 2.36 0.39 -16.97
CB SEP A 186 2.76 -0.80 -16.12
OG SEP A 186 3.68 -1.59 -16.83
C SEP A 186 1.26 1.10 -16.17
O SEP A 186 1.54 1.83 -15.22
P SEP A 186 4.72 -2.40 -15.91
O1P SEP A 186 5.74 -3.06 -16.96
O2P SEP A 186 5.58 -1.41 -15.03
O3P SEP A 186 4.02 -3.51 -14.97
N LEU A 187 0.01 0.79 -16.50
CA LEU A 187 -1.15 1.34 -15.82
C LEU A 187 -1.54 0.41 -14.70
N VAL A 188 -0.87 0.55 -13.57
CA VAL A 188 -1.20 -0.24 -12.42
C VAL A 188 -1.50 0.68 -11.25
N GLY A 189 -2.50 0.27 -10.46
CA GLY A 189 -2.90 1.01 -9.28
C GLY A 189 -4.40 0.89 -9.10
N THR A 190 -4.96 1.83 -8.36
CA THR A 190 -6.39 1.93 -8.11
C THR A 190 -6.83 3.32 -8.55
N PRO A 191 -7.76 3.40 -9.52
CA PRO A 191 -8.11 4.64 -10.19
C PRO A 191 -7.97 5.90 -9.36
N TYR A 192 -8.69 5.99 -8.25
CA TYR A 192 -8.84 7.23 -7.49
C TYR A 192 -7.54 7.68 -6.85
N TRP A 193 -6.60 6.75 -6.66
CA TRP A 193 -5.32 7.06 -6.01
C TRP A 193 -4.17 7.27 -6.99
N MET A 194 -4.44 7.05 -8.28
CA MET A 194 -3.39 7.06 -9.32
C MET A 194 -2.87 8.44 -9.61
N ALA A 195 -1.56 8.53 -9.82
CA ALA A 195 -0.91 9.80 -10.14
C ALA A 195 -1.20 10.17 -11.58
N PRO A 196 -1.33 11.48 -11.86
CA PRO A 196 -1.64 11.94 -13.20
C PRO A 196 -0.70 11.42 -14.29
N GLU A 197 0.59 11.29 -13.98
CA GLU A 197 1.54 10.84 -14.99
C GLU A 197 1.35 9.38 -15.34
N LEU A 198 0.83 8.61 -14.38
CA LEU A 198 0.60 7.18 -14.54
C LEU A 198 -0.69 6.98 -15.31
N ILE A 199 -1.73 7.71 -14.93
CA ILE A 199 -2.96 7.74 -15.72
C ILE A 199 -2.68 8.10 -17.17
N SER A 200 -1.77 9.06 -17.40
CA SER A 200 -1.44 9.57 -18.78
C SER A 200 -0.55 8.62 -19.60
N ARG A 201 -0.04 7.57 -18.96
CA ARG A 201 0.78 6.54 -19.60
C ARG A 201 2.17 7.07 -19.96
N LEU A 202 2.71 7.90 -19.09
CA LEU A 202 4.01 8.49 -19.29
C LEU A 202 5.00 7.72 -18.45
N PRO A 203 6.28 7.73 -18.85
CA PRO A 203 7.33 7.19 -17.99
C PRO A 203 7.24 7.75 -16.57
N TYR A 204 7.12 6.88 -15.57
CA TYR A 204 7.03 7.34 -14.18
C TYR A 204 8.01 6.63 -13.28
N GLY A 205 8.14 7.16 -12.07
CA GLY A 205 9.01 6.57 -11.05
C GLY A 205 8.37 6.54 -9.67
N PRO A 206 9.20 6.50 -8.62
CA PRO A 206 8.80 6.50 -7.23
C PRO A 206 7.87 7.62 -6.80
N GLU A 207 7.86 8.72 -7.58
CA GLU A 207 7.02 9.87 -7.30
C GLU A 207 5.54 9.52 -7.30
N VAL A 208 5.14 8.51 -8.06
CA VAL A 208 3.73 8.12 -8.08
C VAL A 208 3.18 7.75 -6.70
N ASP A 209 4.01 7.14 -5.87
CA ASP A 209 3.60 6.78 -4.52
C ASP A 209 3.36 8.00 -3.63
N ILE A 210 4.08 9.08 -3.91
CA ILE A 210 3.91 10.32 -3.13
C ILE A 210 2.54 10.94 -3.40
N TRP A 211 2.11 10.95 -4.66
CA TRP A 211 0.76 11.42 -5.01
C TRP A 211 -0.30 10.58 -4.31
N SER A 212 -0.25 9.27 -4.55
CA SER A 212 -1.13 8.30 -3.89
C SER A 212 -1.21 8.54 -2.37
N LEU A 213 -0.08 8.79 -1.72
CA LEU A 213 -0.10 9.10 -0.28
C LEU A 213 -0.88 10.37 0.01
N GLY A 214 -0.69 11.40 -0.81
CA GLY A 214 -1.53 12.59 -0.80
C GLY A 214 -3.02 12.31 -0.83
N ILE A 215 -3.43 11.40 -1.73
CA ILE A 215 -4.83 11.01 -1.80
C ILE A 215 -5.31 10.29 -0.52
N MET A 216 -4.42 9.48 0.07
CA MET A 216 -4.72 8.80 1.32
C MET A 216 -4.79 9.78 2.50
N VAL A 217 -4.02 10.86 2.47
CA VAL A 217 -4.26 11.98 3.40
C VAL A 217 -5.69 12.55 3.25
N ILE A 218 -6.15 12.74 2.02
CA ILE A 218 -7.55 13.13 1.77
C ILE A 218 -8.53 12.15 2.38
N GLU A 219 -8.27 10.85 2.23
CA GLU A 219 -9.09 9.83 2.89
C GLU A 219 -9.14 10.02 4.39
N MET A 220 -7.97 10.29 4.96
CA MET A 220 -7.85 10.42 6.42
C MET A 220 -8.58 11.63 6.95
N VAL A 221 -8.60 12.72 6.18
CA VAL A 221 -9.30 13.96 6.55
C VAL A 221 -10.80 13.99 6.17
N ASP A 222 -11.11 13.58 4.93
CA ASP A 222 -12.46 13.68 4.38
C ASP A 222 -13.21 12.35 4.38
N GLY A 223 -12.51 11.24 4.62
CA GLY A 223 -13.17 9.93 4.68
C GLY A 223 -13.13 9.11 3.38
N GLU A 224 -12.80 9.78 2.28
CA GLU A 224 -12.87 9.19 0.94
C GLU A 224 -11.88 9.90 0.02
N PRO A 225 -11.44 9.23 -1.05
CA PRO A 225 -10.64 9.92 -2.03
C PRO A 225 -11.53 10.86 -2.87
N PRO A 226 -10.93 11.83 -3.56
CA PRO A 226 -11.69 12.71 -4.42
C PRO A 226 -12.39 11.93 -5.53
N TYR A 227 -13.56 12.40 -5.94
CA TYR A 227 -14.29 11.83 -7.08
C TYR A 227 -14.71 10.37 -6.89
N PHE A 228 -14.80 9.93 -5.64
CA PHE A 228 -15.04 8.53 -5.30
C PHE A 228 -16.37 7.98 -5.79
N ASN A 229 -17.37 8.86 -5.90
CA ASN A 229 -18.68 8.50 -6.43
C ASN A 229 -18.80 8.57 -7.94
N GLU A 230 -17.69 8.87 -8.63
CA GLU A 230 -17.67 8.88 -10.09
C GLU A 230 -17.18 7.52 -10.59
N PRO A 231 -17.65 7.10 -11.78
CA PRO A 231 -17.05 5.92 -12.38
C PRO A 231 -15.52 6.09 -12.40
N PRO A 232 -14.76 5.00 -12.15
CA PRO A 232 -13.29 5.12 -12.08
C PRO A 232 -12.60 5.77 -13.30
N LEU A 233 -13.02 5.48 -14.53
CA LEU A 233 -12.46 6.13 -15.73
C LEU A 233 -12.72 7.64 -15.78
N LYS A 234 -13.92 8.08 -15.37
CA LYS A 234 -14.22 9.50 -15.20
C LYS A 234 -13.34 10.18 -14.11
N ALA A 235 -13.08 9.47 -13.00
CA ALA A 235 -12.22 10.03 -11.94
C ALA A 235 -10.78 10.20 -12.43
N MET A 236 -10.30 9.23 -13.20
CA MET A 236 -8.96 9.25 -13.77
C MET A 236 -8.79 10.41 -14.76
N LYS A 237 -9.79 10.68 -15.62
CA LYS A 237 -9.80 11.86 -16.50
C LYS A 237 -9.74 13.18 -15.71
N MET A 238 -10.50 13.27 -14.63
CA MET A 238 -10.47 14.44 -13.73
C MET A 238 -9.16 14.64 -13.00
N ILE A 239 -8.56 13.55 -12.51
CA ILE A 239 -7.24 13.59 -11.87
C ILE A 239 -6.26 14.13 -12.88
N ARG A 240 -6.32 13.59 -14.09
CA ARG A 240 -5.41 13.93 -15.17
C ARG A 240 -5.50 15.38 -15.69
N ASP A 241 -6.71 15.95 -15.71
CA ASP A 241 -6.97 17.24 -16.35
C ASP A 241 -7.08 18.42 -15.40
N ASN A 242 -7.50 18.16 -14.17
CA ASN A 242 -7.85 19.24 -13.25
C ASN A 242 -6.73 19.61 -12.31
N LEU A 243 -6.90 20.76 -11.67
CA LEU A 243 -6.09 21.17 -10.51
C LEU A 243 -6.05 20.07 -9.43
N PRO A 244 -5.00 20.06 -8.62
CA PRO A 244 -4.96 19.03 -7.59
C PRO A 244 -6.22 19.08 -6.69
N PRO A 245 -6.69 17.91 -6.23
CA PRO A 245 -7.90 17.92 -5.45
C PRO A 245 -7.67 18.64 -4.12
N ARG A 246 -8.70 19.29 -3.63
CA ARG A 246 -8.62 19.97 -2.36
CA ARG A 246 -8.62 19.97 -2.36
C ARG A 246 -9.46 19.27 -1.29
N LEU A 247 -9.11 19.51 -0.05
CA LEU A 247 -9.84 18.98 1.07
C LEU A 247 -11.22 19.61 1.12
N LYS A 248 -12.27 18.79 1.23
CA LYS A 248 -13.63 19.26 1.53
C LYS A 248 -13.62 19.95 2.89
N ASN A 249 -13.00 19.30 3.88
CA ASN A 249 -12.84 19.85 5.23
C ASN A 249 -11.53 20.63 5.41
N LEU A 250 -11.48 21.86 4.86
CA LEU A 250 -10.25 22.68 4.76
C LEU A 250 -10.04 23.60 5.97
N HIS A 251 -11.05 24.41 6.30
CA HIS A 251 -11.01 25.28 7.48
C HIS A 251 -10.74 24.49 8.78
N LYS A 252 -11.16 23.22 8.79
CA LYS A 252 -10.92 22.30 9.89
C LYS A 252 -9.46 21.77 10.03
N VAL A 253 -8.54 22.15 9.13
CA VAL A 253 -7.16 21.61 9.17
C VAL A 253 -6.10 22.69 9.38
N SER A 254 -4.99 22.31 10.00
CA SER A 254 -3.91 23.25 10.36
C SER A 254 -3.13 23.70 9.13
N PRO A 255 -2.43 24.85 9.20
CA PRO A 255 -1.57 25.30 8.10
C PRO A 255 -0.46 24.31 7.77
N SER A 256 0.04 23.64 8.81
CA SER A 256 1.09 22.62 8.69
C SER A 256 0.64 21.44 7.82
N LEU A 257 -0.60 21.00 8.02
CA LEU A 257 -1.16 19.85 7.31
C LEU A 257 -1.45 20.21 5.86
N LYS A 258 -2.00 21.41 5.65
CA LYS A 258 -2.27 21.90 4.29
C LYS A 258 -0.99 22.06 3.49
N GLY A 259 0.04 22.67 4.06
CA GLY A 259 1.31 22.88 3.37
C GLY A 259 2.03 21.57 3.07
N PHE A 260 1.92 20.62 3.99
CA PHE A 260 2.41 19.26 3.79
C PHE A 260 1.68 18.59 2.60
N LEU A 261 0.35 18.64 2.60
CA LEU A 261 -0.41 18.02 1.52
C LEU A 261 -0.15 18.69 0.18
N ASP A 262 0.16 19.99 0.19
CA ASP A 262 0.44 20.75 -1.05
C ASP A 262 1.73 20.32 -1.73
N ARG A 263 2.58 19.60 -1.00
CA ARG A 263 3.87 19.09 -1.50
CA ARG A 263 3.87 19.09 -1.50
C ARG A 263 3.76 17.66 -2.05
N LEU A 264 2.69 16.96 -1.68
CA LEU A 264 2.40 15.63 -2.19
C LEU A 264 1.61 15.70 -3.47
N LEU A 265 0.59 16.56 -3.46
CA LEU A 265 -0.38 16.60 -4.52
C LEU A 265 0.03 17.67 -5.51
N VAL A 266 1.20 17.45 -6.14
CA VAL A 266 1.77 18.32 -7.15
C VAL A 266 1.72 17.55 -8.45
N ARG A 267 1.06 18.09 -9.47
CA ARG A 267 0.77 17.33 -10.71
C ARG A 267 2.05 16.98 -11.45
N ASP A 268 2.97 17.93 -11.54
CA ASP A 268 4.26 17.69 -12.14
C ASP A 268 5.14 16.86 -11.19
N PRO A 269 5.45 15.61 -11.57
CA PRO A 269 6.18 14.74 -10.67
C PRO A 269 7.59 15.23 -10.40
N ALA A 270 8.15 16.02 -11.31
CA ALA A 270 9.47 16.64 -11.14
C ALA A 270 9.49 17.73 -10.04
N GLN A 271 8.33 18.30 -9.73
CA GLN A 271 8.22 19.30 -8.67
C GLN A 271 7.60 18.75 -7.39
N ARG A 272 7.12 17.53 -7.44
CA ARG A 272 6.61 16.83 -6.26
C ARG A 272 7.73 16.52 -5.27
N ALA A 273 7.42 16.62 -3.99
CA ALA A 273 8.37 16.29 -2.94
C ALA A 273 8.69 14.77 -2.93
N THR A 274 9.92 14.43 -2.53
CA THR A 274 10.33 13.04 -2.38
C THR A 274 9.99 12.56 -0.95
N ALA A 275 10.07 11.25 -0.74
CA ALA A 275 9.85 10.71 0.59
C ALA A 275 10.90 11.25 1.58
N ALA A 276 12.15 11.35 1.13
CA ALA A 276 13.26 11.80 1.98
C ALA A 276 13.02 13.24 2.44
N GLU A 277 12.61 14.09 1.48
CA GLU A 277 12.27 15.49 1.73
C GLU A 277 11.15 15.62 2.77
N LEU A 278 10.08 14.86 2.56
CA LEU A 278 8.88 14.95 3.40
C LEU A 278 9.10 14.46 4.83
N LEU A 279 10.08 13.57 5.04
CA LEU A 279 10.43 13.13 6.39
C LEU A 279 10.96 14.28 7.28
N LYS A 280 11.42 15.34 6.63
CA LYS A 280 11.87 16.55 7.32
C LYS A 280 10.77 17.60 7.47
N HIS A 281 9.54 17.30 7.05
CA HIS A 281 8.46 18.29 7.10
C HIS A 281 7.93 18.46 8.54
N PRO A 282 7.70 19.71 8.98
CA PRO A 282 7.23 19.98 10.33
C PRO A 282 5.89 19.36 10.71
N PHE A 283 5.04 19.05 9.75
CA PHE A 283 3.76 18.41 10.06
C PHE A 283 3.99 17.08 10.76
N LEU A 284 5.04 16.36 10.36
CA LEU A 284 5.31 15.05 10.93
C LEU A 284 5.78 15.12 12.37
N ALA A 285 6.25 16.31 12.80
CA ALA A 285 6.55 16.57 14.22
C ALA A 285 5.36 16.35 15.14
N LYS A 286 4.14 16.48 14.59
CA LYS A 286 2.91 16.21 15.33
C LYS A 286 2.65 14.73 15.61
N ALA A 287 3.37 13.82 14.95
CA ALA A 287 3.11 12.38 15.07
C ALA A 287 3.00 11.95 16.53
N GLY A 288 1.90 11.30 16.88
CA GLY A 288 1.75 10.72 18.19
C GLY A 288 2.29 9.31 18.21
N PRO A 289 2.41 8.73 19.40
CA PRO A 289 2.88 7.34 19.49
C PRO A 289 1.83 6.34 19.03
N PRO A 290 2.22 5.08 18.88
CA PRO A 290 1.26 4.04 18.47
C PRO A 290 -0.01 3.98 19.36
N ALA A 291 0.15 4.20 20.65
CA ALA A 291 -1.01 4.14 21.55
C ALA A 291 -2.11 5.15 21.17
N SER A 292 -1.75 6.23 20.48
CA SER A 292 -2.72 7.22 20.00
C SER A 292 -3.68 6.66 18.92
N ILE A 293 -3.28 5.61 18.21
CA ILE A 293 -4.12 5.01 17.17
C ILE A 293 -5.09 3.96 17.70
N VAL A 294 -4.69 3.29 18.79
CA VAL A 294 -5.43 2.17 19.35
C VAL A 294 -6.94 2.39 19.54
N PRO A 295 -7.34 3.53 20.13
CA PRO A 295 -8.79 3.76 20.32
C PRO A 295 -9.60 3.94 19.02
N LEU A 296 -8.93 4.19 17.91
CA LEU A 296 -9.58 4.24 16.59
C LEU A 296 -9.98 2.87 16.04
N MET A 297 -9.34 1.81 16.52
CA MET A 297 -9.55 0.47 15.96
C MET A 297 -10.93 -0.09 16.33
N ARG A 298 -11.51 -0.83 15.40
CA ARG A 298 -12.80 -1.46 15.53
C ARG A 298 -13.02 -2.15 16.86
N GLN A 299 -12.04 -2.93 17.33
CA GLN A 299 -12.22 -3.73 18.56
C GLN A 299 -12.32 -2.89 19.81
N ASN A 300 -11.88 -1.63 19.72
CA ASN A 300 -11.90 -0.70 20.86
C ASN A 300 -12.99 0.38 20.74
N ARG A 301 -13.80 0.29 19.68
CA ARG A 301 -14.94 1.19 19.45
C ARG A 301 -16.24 0.50 19.79
N THR A 302 -17.27 1.31 20.00
CA THR A 302 -18.59 0.79 20.36
C THR A 302 -19.70 1.70 19.84
CAS 23D B . -7.84 -8.13 9.02
CAQ 23D B . -9.14 -8.00 9.47
CL1 23D B . -10.48 -8.08 8.33
CAP 23D B . -9.40 -7.84 10.82
CAO 23D B . -8.35 -7.77 11.71
CAN 23D B . -7.05 -7.88 11.26
CAM 23D B . -6.76 -8.05 9.90
N6 23D B . -5.46 -8.16 9.52
C6 23D B . -5.06 -8.23 8.24
N1 23D B . -5.89 -7.81 7.30
C5 23D B . -3.83 -8.72 7.84
N7 23D B . -2.79 -9.21 8.50
C8 23D B . -1.85 -9.54 7.63
N9 23D B . -2.31 -9.26 6.41
CAZ 23D B . -1.54 -9.51 5.18
CBA 23D B . -0.39 -8.52 5.17
C4 23D B . -3.54 -8.75 6.47
N3 23D B . -4.44 -8.29 5.55
C2 23D B . -5.62 -7.83 6.01
N2 23D B . -6.64 -7.29 5.35
CAG 23D B . -7.19 -7.45 3.99
CAF 23D B . -6.35 -8.29 3.05
CAE 23D B . -6.95 -8.26 1.63
CAD 23D B . -8.21 -7.40 1.53
CAC 23D B . -7.95 -5.97 2.06
CAA 23D B . -7.42 -6.01 3.50
NAB 23D B . -8.38 -5.37 4.40
S SO4 C . 0.10 -1.17 -19.80
O1 SO4 C . 1.09 -2.22 -19.57
O2 SO4 C . -0.48 -0.69 -18.56
O3 SO4 C . 0.78 -0.07 -20.46
O4 SO4 C . -1.01 -1.68 -20.61
S SO4 D . -10.82 11.72 -23.00
O1 SO4 D . -9.82 10.66 -22.75
O2 SO4 D . -10.89 12.65 -21.87
O3 SO4 D . -10.44 12.48 -24.18
O4 SO4 D . -12.15 11.16 -23.18
CL CL E . 4.86 24.45 3.94
#